data_9NHA
#
_entry.id   9NHA
#
_cell.length_a   67.621
_cell.length_b   67.529
_cell.length_c   138.339
_cell.angle_alpha   90.000
_cell.angle_beta   90.000
_cell.angle_gamma   90.000
#
_symmetry.space_group_name_H-M   'P 21 21 21'
#
loop_
_entity.id
_entity.type
_entity.pdbx_description
1 polymer 'Guanine-N7 methyltransferase nsp14'
2 non-polymer 'ZINC ION'
3 non-polymer 'PHOSPHATE ION'
4 non-polymer N-{[4-(propan-2-yl)-1,3-thiazol-2-yl]methyl}-1H-pyrazole-3-carboxamide
5 water water
#
_entity_poly.entity_id   1
_entity_poly.type   'polypeptide(L)'
_entity_poly.pdbx_seq_one_letter_code
;SMLFKDCSKVITGLHPTQAPTHLSVDTKFKTEGLCVDIPGIPKDMTYRRLISMMGFKMNYQVNGYPNMFITREEAIRHVR
AWIGFDVEGCHATREAVGTNLPLQLGFSTGVNLVAVPTGYVDTPNNTDFSRVSAKPPPGDQFKHLIPLMYKGLPWNVVRI
KIVQMLSDTLKNLSDRVVFVLWAHGFELTSMKYFVKIGPERTCCLCDRRATCFSTASDTYACWHHSIGFDYVYNPFMIDV
QQWGFTGNLQSNHDLYCQVHGNAHVASCDAIMTRCLAVHECFVKRVDWTIEYPIIGDELKINAACRKVQHMVVKAALLAD
KFPVLHDIGNPKAIKCVPQADVEWKFYDAQPCSDKAYKIEELFYSYATHSDKFTDGVCLFWNCNVDRYPANSIVCRFDTR
VLSNLNLPGCDGGSLYVNKHAFHTPAFDKSAFVNLKQLPFFYYSDSPCESHGKQVVSDIDYVPLKSATCITRCNLGGAVC
RHHANEYRLYLDAYNMMISAGFSLWVYKQFDTYNLWNTFTRLQ
;
_entity_poly.pdbx_strand_id   A
#
# COMPACT_ATOMS: atom_id res chain seq x y z
N LEU A 23 3.64 -17.30 18.01
CA LEU A 23 3.04 -16.73 19.21
C LEU A 23 2.40 -17.76 20.12
N SER A 24 3.02 -18.00 21.29
CA SER A 24 2.58 -19.06 22.19
C SER A 24 1.17 -18.82 22.70
N VAL A 25 0.35 -19.87 22.68
CA VAL A 25 -0.96 -19.74 23.30
C VAL A 25 -0.87 -19.52 24.82
N ASP A 26 0.27 -19.87 25.45
CA ASP A 26 0.46 -19.69 26.88
C ASP A 26 0.98 -18.29 27.21
N THR A 27 1.21 -17.45 26.19
CA THR A 27 1.54 -16.05 26.42
C THR A 27 0.38 -15.31 27.10
N LYS A 28 0.74 -14.28 27.85
CA LYS A 28 -0.22 -13.57 28.67
C LYS A 28 -0.93 -12.50 27.85
N PHE A 29 -2.22 -12.36 28.11
CA PHE A 29 -3.08 -11.39 27.45
C PHE A 29 -3.61 -10.40 28.49
N LYS A 30 -3.29 -9.11 28.29
CA LYS A 30 -3.78 -8.10 29.21
C LYS A 30 -5.28 -7.91 28.99
N THR A 31 -6.07 -7.96 30.07
CA THR A 31 -7.53 -8.08 29.96
C THR A 31 -8.26 -6.85 30.46
N GLU A 32 -7.55 -5.82 30.90
CA GLU A 32 -8.22 -4.61 31.37
C GLU A 32 -9.15 -4.01 30.30
N GLY A 33 -8.72 -3.97 29.04
CA GLY A 33 -9.63 -3.43 28.02
C GLY A 33 -10.93 -4.22 27.86
N LEU A 34 -10.94 -5.48 28.29
CA LEU A 34 -12.13 -6.30 28.13
C LEU A 34 -13.12 -6.18 29.30
N CYS A 35 -12.69 -5.60 30.43
CA CYS A 35 -13.44 -5.81 31.68
C CYS A 35 -14.72 -4.98 31.76
N VAL A 36 -14.99 -4.10 30.80
CA VAL A 36 -16.27 -3.40 30.81
C VAL A 36 -17.36 -4.21 30.08
N ASP A 37 -17.02 -4.79 28.92
CA ASP A 37 -17.92 -5.75 28.29
C ASP A 37 -18.02 -7.03 29.08
N ILE A 38 -16.93 -7.42 29.74
CA ILE A 38 -16.87 -8.67 30.50
C ILE A 38 -16.49 -8.36 31.95
N PRO A 39 -17.43 -7.90 32.77
CA PRO A 39 -17.09 -7.61 34.18
C PRO A 39 -16.63 -8.87 34.89
N GLY A 40 -15.53 -8.76 35.62
CA GLY A 40 -15.08 -9.87 36.41
C GLY A 40 -14.05 -10.73 35.72
N ILE A 41 -13.60 -10.32 34.55
CA ILE A 41 -12.67 -11.18 33.81
C ILE A 41 -11.39 -11.33 34.61
N PRO A 42 -10.77 -12.51 34.64
CA PRO A 42 -9.49 -12.66 35.34
C PRO A 42 -8.46 -11.69 34.81
N LYS A 43 -7.58 -11.25 35.71
CA LYS A 43 -6.44 -10.45 35.29
C LYS A 43 -5.36 -11.35 34.70
N ASP A 44 -5.26 -12.57 35.22
CA ASP A 44 -4.27 -13.55 34.79
C ASP A 44 -4.94 -14.40 33.73
N MET A 45 -4.53 -14.19 32.47
CA MET A 45 -5.19 -14.82 31.33
C MET A 45 -4.18 -15.08 30.22
N THR A 46 -4.19 -16.29 29.69
CA THR A 46 -3.40 -16.62 28.51
C THR A 46 -4.28 -16.58 27.25
N TYR A 47 -3.64 -16.75 26.08
CA TYR A 47 -4.43 -16.90 24.86
C TYR A 47 -5.21 -18.21 24.91
N ARG A 48 -4.58 -19.28 25.41
CA ARG A 48 -5.28 -20.56 25.52
C ARG A 48 -6.61 -20.45 26.29
N ARG A 49 -6.62 -19.76 27.42
CA ARG A 49 -7.88 -19.58 28.15
C ARG A 49 -8.83 -18.63 27.39
N LEU A 50 -8.32 -17.57 26.78
CA LEU A 50 -9.19 -16.64 26.06
C LEU A 50 -9.81 -17.29 24.81
N ILE A 51 -9.03 -18.06 24.05
CA ILE A 51 -9.60 -18.76 22.91
C ILE A 51 -10.70 -19.72 23.36
N SER A 52 -10.50 -20.36 24.51
CA SER A 52 -11.52 -21.21 25.09
C SER A 52 -12.74 -20.40 25.49
N MET A 53 -12.52 -19.26 26.15
CA MET A 53 -13.64 -18.42 26.55
C MET A 53 -14.38 -17.88 25.33
N MET A 54 -13.68 -17.70 24.21
CA MET A 54 -14.33 -17.28 22.99
C MET A 54 -15.13 -18.40 22.37
N GLY A 55 -15.06 -19.60 22.94
CA GLY A 55 -15.87 -20.70 22.47
C GLY A 55 -15.23 -21.61 21.46
N PHE A 56 -13.91 -21.65 21.35
CA PHE A 56 -13.26 -22.50 20.36
C PHE A 56 -12.47 -23.69 20.97
N TYR A 65 -2.03 -23.99 12.25
CA TYR A 65 -2.91 -23.13 13.02
C TYR A 65 -2.69 -23.29 14.57
N PRO A 66 -1.49 -22.95 15.05
CA PRO A 66 -1.25 -23.07 16.50
C PRO A 66 -2.01 -22.07 17.33
N ASN A 67 -2.32 -20.90 16.81
CA ASN A 67 -2.95 -19.83 17.59
C ASN A 67 -3.74 -18.94 16.65
N MET A 68 -4.99 -18.62 17.01
CA MET A 68 -5.75 -17.61 16.28
C MET A 68 -4.99 -16.28 16.30
N PHE A 69 -4.38 -15.94 17.44
CA PHE A 69 -3.67 -14.69 17.58
C PHE A 69 -2.24 -14.88 17.14
N ILE A 70 -1.64 -13.77 16.71
CA ILE A 70 -0.35 -13.77 16.03
C ILE A 70 0.47 -12.60 16.56
N THR A 71 1.78 -12.69 16.32
CA THR A 71 2.73 -11.68 16.78
C THR A 71 2.68 -10.44 15.90
N ARG A 72 3.16 -9.32 16.45
CA ARG A 72 3.33 -8.12 15.63
C ARG A 72 4.13 -8.45 14.38
N GLU A 73 5.24 -9.17 14.55
CA GLU A 73 6.08 -9.52 13.41
C GLU A 73 5.26 -10.29 12.36
N GLU A 74 4.52 -11.32 12.79
CA GLU A 74 3.72 -12.03 11.81
C GLU A 74 2.69 -11.10 11.19
N ALA A 75 2.13 -10.18 11.99
CA ALA A 75 1.09 -9.31 11.45
C ALA A 75 1.67 -8.38 10.38
N ILE A 76 2.89 -7.89 10.61
CA ILE A 76 3.56 -7.04 9.62
C ILE A 76 3.81 -7.85 8.36
N ARG A 77 4.22 -9.10 8.50
CA ARG A 77 4.46 -9.90 7.32
C ARG A 77 3.20 -10.10 6.50
N HIS A 78 2.02 -9.89 7.09
CA HIS A 78 0.77 -10.11 6.40
C HIS A 78 -0.16 -8.89 6.43
N VAL A 79 0.44 -7.69 6.35
CA VAL A 79 -0.31 -6.42 6.29
C VAL A 79 -1.37 -6.43 5.19
N ARG A 80 -1.09 -7.07 4.07
CA ARG A 80 -2.12 -7.12 3.03
C ARG A 80 -3.40 -7.79 3.50
N ALA A 81 -3.37 -8.56 4.58
CA ALA A 81 -4.55 -9.26 5.06
C ALA A 81 -5.30 -8.51 6.17
N TRP A 82 -4.88 -7.30 6.52
CA TRP A 82 -5.45 -6.67 7.70
C TRP A 82 -6.84 -6.16 7.38
N ILE A 83 -7.77 -6.45 8.27
CA ILE A 83 -9.12 -5.92 8.26
C ILE A 83 -9.38 -5.45 9.69
N GLY A 84 -9.56 -4.14 9.86
CA GLY A 84 -9.99 -3.65 11.15
C GLY A 84 -11.40 -4.14 11.45
N PHE A 85 -11.64 -4.49 12.72
CA PHE A 85 -12.90 -5.09 13.14
C PHE A 85 -13.27 -4.55 14.51
N ASP A 86 -14.48 -4.05 14.59
CA ASP A 86 -15.02 -3.52 15.82
C ASP A 86 -16.47 -3.92 15.93
N VAL A 87 -16.88 -4.33 17.13
CA VAL A 87 -18.27 -4.62 17.42
C VAL A 87 -18.70 -3.74 18.58
N GLU A 88 -19.87 -3.11 18.45
CA GLU A 88 -20.40 -2.18 19.44
C GLU A 88 -21.82 -2.60 19.79
N GLY A 89 -22.09 -2.70 21.09
CA GLY A 89 -23.40 -3.08 21.55
C GLY A 89 -24.11 -2.01 22.37
N PRO A 102 -28.38 -7.22 20.30
CA PRO A 102 -28.32 -6.47 19.02
C PRO A 102 -27.02 -5.70 18.87
N LEU A 103 -26.24 -6.01 17.84
CA LEU A 103 -24.84 -5.63 17.77
C LEU A 103 -24.51 -5.06 16.40
N GLN A 104 -23.59 -4.10 16.38
CA GLN A 104 -23.16 -3.43 15.16
C GLN A 104 -21.74 -3.86 14.86
N LEU A 105 -21.58 -4.65 13.80
CA LEU A 105 -20.27 -5.09 13.35
C LEU A 105 -19.77 -4.08 12.32
N GLY A 106 -18.55 -3.60 12.51
CA GLY A 106 -17.97 -2.64 11.57
C GLY A 106 -16.58 -3.11 11.19
N PHE A 107 -16.24 -2.89 9.94
CA PHE A 107 -14.98 -3.34 9.37
C PHE A 107 -14.29 -2.15 8.72
N SER A 108 -12.97 -2.27 8.57
CA SER A 108 -12.22 -1.15 8.02
C SER A 108 -12.45 -0.98 6.52
N THR A 109 -13.30 -1.80 5.91
CA THR A 109 -13.80 -1.56 4.57
C THR A 109 -14.88 -0.51 4.54
N GLY A 110 -15.27 0.05 5.69
CA GLY A 110 -16.35 1.01 5.77
C GLY A 110 -17.72 0.43 6.01
N VAL A 111 -17.85 -0.85 6.01
CA VAL A 111 -19.16 -1.50 6.15
C VAL A 111 -19.55 -1.67 7.61
N ASN A 112 -20.84 -1.45 7.88
CA ASN A 112 -21.46 -1.71 9.17
C ASN A 112 -22.66 -2.65 8.98
N LEU A 113 -22.57 -3.83 9.59
CA LEU A 113 -23.68 -4.77 9.65
C LEU A 113 -24.30 -4.80 11.05
N VAL A 114 -25.60 -5.04 11.10
CA VAL A 114 -26.32 -5.20 12.36
C VAL A 114 -26.78 -6.65 12.43
N ALA A 115 -26.29 -7.35 13.46
CA ALA A 115 -26.72 -8.71 13.79
C ALA A 115 -27.66 -8.67 14.98
N VAL A 116 -28.69 -9.51 14.94
CA VAL A 116 -29.74 -9.51 15.95
C VAL A 116 -29.95 -10.92 16.51
N GLY A 152 -30.96 -4.56 10.78
CA GLY A 152 -30.80 -5.65 11.71
C GLY A 152 -31.27 -6.98 11.15
N LEU A 153 -30.36 -7.96 11.11
CA LEU A 153 -30.63 -9.26 10.52
C LEU A 153 -29.99 -10.37 11.35
N PRO A 154 -30.49 -11.60 11.26
CA PRO A 154 -29.91 -12.70 12.06
C PRO A 154 -28.53 -13.08 11.60
N TRP A 155 -27.83 -13.79 12.48
CA TRP A 155 -26.44 -14.11 12.25
C TRP A 155 -26.26 -15.02 11.06
N ASN A 156 -27.26 -15.86 10.75
CA ASN A 156 -27.09 -16.82 9.67
C ASN A 156 -27.01 -16.14 8.31
N VAL A 157 -27.64 -14.97 8.16
CA VAL A 157 -27.42 -14.21 6.93
C VAL A 157 -26.21 -13.29 7.10
N VAL A 158 -26.00 -12.74 8.30
CA VAL A 158 -24.91 -11.78 8.50
C VAL A 158 -23.55 -12.42 8.19
N ARG A 159 -23.39 -13.71 8.50
CA ARG A 159 -22.13 -14.37 8.21
C ARG A 159 -21.94 -14.61 6.72
N ILE A 160 -23.03 -14.74 5.95
CA ILE A 160 -22.90 -14.82 4.49
C ILE A 160 -22.26 -13.54 3.96
N LYS A 161 -22.78 -12.40 4.38
CA LYS A 161 -22.23 -11.12 4.00
C LYS A 161 -20.76 -11.00 4.38
N ILE A 162 -20.38 -11.49 5.57
CA ILE A 162 -19.00 -11.33 6.04
C ILE A 162 -18.03 -12.06 5.11
N VAL A 163 -18.33 -13.31 4.78
CA VAL A 163 -17.50 -14.04 3.84
C VAL A 163 -17.44 -13.35 2.46
N GLN A 164 -18.59 -12.88 1.99
CA GLN A 164 -18.59 -12.25 0.67
C GLN A 164 -17.72 -11.00 0.67
N MET A 165 -17.88 -10.15 1.70
CA MET A 165 -17.12 -8.92 1.79
C MET A 165 -15.62 -9.17 1.96
N LEU A 166 -15.25 -10.15 2.78
CA LEU A 166 -13.82 -10.41 2.99
C LEU A 166 -13.21 -11.03 1.75
N SER A 167 -13.95 -11.91 1.06
CA SER A 167 -13.42 -12.55 -0.14
C SER A 167 -13.21 -11.53 -1.25
N ASP A 168 -14.16 -10.62 -1.45
CA ASP A 168 -13.96 -9.63 -2.51
C ASP A 168 -12.88 -8.62 -2.14
N THR A 169 -12.70 -8.35 -0.84
CA THR A 169 -11.67 -7.40 -0.44
C THR A 169 -10.28 -8.03 -0.54
N LEU A 170 -10.18 -9.33 -0.25
CA LEU A 170 -8.87 -9.93 -0.01
C LEU A 170 -8.36 -10.84 -1.13
N LYS A 171 -9.25 -11.33 -2.03
CA LYS A 171 -8.83 -12.41 -2.92
C LYS A 171 -7.63 -12.00 -3.77
N ASN A 172 -7.52 -10.74 -4.10
CA ASN A 172 -6.39 -10.30 -4.88
C ASN A 172 -5.27 -9.73 -4.04
N LEU A 173 -5.39 -9.79 -2.71
CA LEU A 173 -4.38 -9.21 -1.83
C LEU A 173 -3.64 -10.24 -0.99
N SER A 174 -4.30 -11.30 -0.53
CA SER A 174 -3.64 -12.13 0.47
C SER A 174 -4.29 -13.49 0.53
N ASP A 175 -3.54 -14.45 1.06
CA ASP A 175 -4.04 -15.79 1.28
C ASP A 175 -4.73 -15.97 2.63
N ARG A 176 -4.96 -14.90 3.40
CA ARG A 176 -5.61 -15.02 4.72
C ARG A 176 -6.36 -13.74 5.03
N VAL A 177 -6.88 -13.69 6.26
CA VAL A 177 -7.39 -12.47 6.88
C VAL A 177 -6.76 -12.31 8.24
N VAL A 178 -6.50 -11.06 8.64
CA VAL A 178 -5.98 -10.75 9.97
C VAL A 178 -6.86 -9.66 10.58
N PHE A 179 -7.72 -10.02 11.51
CA PHE A 179 -8.59 -9.02 12.10
C PHE A 179 -7.80 -8.18 13.10
N VAL A 180 -7.74 -6.88 12.86
CA VAL A 180 -7.04 -5.96 13.75
C VAL A 180 -8.08 -5.35 14.68
N LEU A 181 -7.81 -5.41 15.99
CA LEU A 181 -8.79 -5.06 17.01
C LEU A 181 -8.22 -4.16 18.09
N TRP A 182 -9.06 -3.26 18.59
CA TRP A 182 -8.89 -2.57 19.84
C TRP A 182 -9.95 -3.26 20.71
N ALA A 183 -9.53 -4.33 21.39
CA ALA A 183 -10.50 -5.29 21.91
C ALA A 183 -11.11 -4.84 23.22
N HIS A 184 -12.44 -4.77 23.26
CA HIS A 184 -13.17 -4.52 24.49
C HIS A 184 -14.08 -5.65 24.91
N GLY A 185 -14.33 -6.62 24.04
CA GLY A 185 -15.06 -7.80 24.47
C GLY A 185 -16.08 -8.39 23.52
N PHE A 186 -16.98 -7.55 23.00
CA PHE A 186 -18.01 -8.09 22.11
C PHE A 186 -17.44 -8.57 20.77
N GLU A 187 -16.36 -7.96 20.29
CA GLU A 187 -15.83 -8.42 19.01
C GLU A 187 -15.31 -9.84 19.16
N LEU A 188 -14.70 -10.15 20.29
CA LEU A 188 -14.17 -11.49 20.50
C LEU A 188 -15.26 -12.52 20.78
N THR A 189 -16.26 -12.17 21.58
CA THR A 189 -17.38 -13.08 21.80
C THR A 189 -18.27 -13.22 20.57
N SER A 190 -18.20 -12.28 19.63
CA SER A 190 -19.01 -12.40 18.43
C SER A 190 -18.37 -13.31 17.39
N MET A 191 -17.10 -13.65 17.53
CA MET A 191 -16.43 -14.45 16.50
C MET A 191 -17.07 -15.81 16.31
N LYS A 192 -17.45 -16.48 17.39
CA LYS A 192 -17.99 -17.83 17.25
C LYS A 192 -19.20 -17.87 16.33
N TYR A 193 -19.86 -16.73 16.11
CA TYR A 193 -21.05 -16.71 15.27
C TYR A 193 -20.72 -16.66 13.77
N PHE A 194 -19.46 -16.45 13.38
CA PHE A 194 -19.13 -16.49 11.96
C PHE A 194 -17.76 -17.08 11.66
N VAL A 195 -17.06 -17.65 12.64
CA VAL A 195 -15.74 -18.24 12.46
C VAL A 195 -15.80 -19.72 12.81
N LYS A 196 -15.24 -20.58 11.95
CA LYS A 196 -14.89 -21.95 12.27
C LYS A 196 -13.38 -22.07 12.18
N ILE A 197 -12.80 -22.94 13.01
CA ILE A 197 -11.38 -23.24 12.97
C ILE A 197 -11.18 -24.75 12.90
N GLY A 198 -9.95 -25.14 12.60
CA GLY A 198 -9.61 -26.52 12.40
C GLY A 198 -8.20 -26.64 11.88
N PRO A 199 -7.87 -27.80 11.36
CA PRO A 199 -6.56 -27.96 10.73
C PRO A 199 -6.47 -27.09 9.48
N GLU A 200 -5.24 -26.75 9.12
CA GLU A 200 -5.03 -26.03 7.88
C GLU A 200 -5.52 -26.89 6.73
N ARG A 201 -6.30 -26.28 5.84
CA ARG A 201 -6.91 -27.00 4.74
C ARG A 201 -6.61 -26.32 3.41
N THR A 202 -6.95 -27.02 2.34
CA THR A 202 -6.76 -26.52 1.00
C THR A 202 -8.13 -26.26 0.38
N CYS A 203 -8.14 -25.36 -0.60
CA CYS A 203 -9.38 -25.04 -1.30
C CYS A 203 -9.89 -26.25 -2.06
N CYS A 204 -11.21 -26.46 -2.00
CA CYS A 204 -11.81 -27.60 -2.70
C CYS A 204 -11.55 -27.53 -4.19
N LEU A 205 -11.45 -26.32 -4.74
CA LEU A 205 -11.38 -26.09 -6.17
C LEU A 205 -10.03 -25.57 -6.66
N CYS A 206 -9.06 -25.35 -5.78
CA CYS A 206 -7.72 -24.97 -6.20
C CYS A 206 -6.72 -25.37 -5.09
N ASP A 207 -5.51 -24.85 -5.20
CA ASP A 207 -4.41 -25.23 -4.31
C ASP A 207 -4.10 -24.19 -3.24
N ARG A 208 -4.85 -23.09 -3.18
CA ARG A 208 -4.62 -22.11 -2.14
C ARG A 208 -5.14 -22.63 -0.78
N ARG A 209 -4.60 -22.08 0.29
CA ARG A 209 -5.11 -22.45 1.60
C ARG A 209 -6.57 -22.00 1.71
N ALA A 210 -7.34 -22.74 2.50
CA ALA A 210 -8.74 -22.42 2.70
C ALA A 210 -8.92 -21.29 3.69
N THR A 211 -9.78 -20.32 3.33
CA THR A 211 -10.14 -19.22 4.20
C THR A 211 -11.62 -19.21 4.56
N CYS A 212 -12.42 -20.10 4.00
CA CYS A 212 -13.85 -20.11 4.20
C CYS A 212 -14.32 -21.56 4.29
N PHE A 213 -15.47 -21.74 4.94
CA PHE A 213 -16.10 -23.04 5.13
C PHE A 213 -17.57 -22.90 4.78
N SER A 214 -18.15 -23.94 4.18
CA SER A 214 -19.58 -23.94 3.93
C SER A 214 -20.24 -25.08 4.70
N THR A 215 -21.24 -24.74 5.53
CA THR A 215 -22.00 -25.77 6.21
C THR A 215 -23.03 -26.44 5.31
N ALA A 216 -23.38 -25.85 4.17
CA ALA A 216 -24.34 -26.50 3.27
C ALA A 216 -23.72 -27.66 2.51
N SER A 217 -22.43 -27.60 2.22
CA SER A 217 -21.74 -28.64 1.48
C SER A 217 -20.65 -29.36 2.27
N ASP A 218 -20.25 -28.86 3.42
CA ASP A 218 -19.12 -29.47 4.14
C ASP A 218 -17.87 -29.44 3.27
N THR A 219 -17.61 -28.28 2.68
CA THR A 219 -16.44 -28.07 1.84
C THR A 219 -15.78 -26.75 2.20
N TYR A 220 -14.53 -26.63 1.75
CA TYR A 220 -13.67 -25.50 2.06
C TYR A 220 -13.29 -24.79 0.77
N ALA A 221 -13.07 -23.48 0.87
CA ALA A 221 -12.67 -22.72 -0.29
C ALA A 221 -11.75 -21.56 0.12
N CYS A 222 -11.01 -21.08 -0.87
CA CYS A 222 -10.16 -19.91 -0.72
C CYS A 222 -10.99 -18.65 -0.94
N TRP A 223 -10.31 -17.48 -0.98
CA TRP A 223 -11.05 -16.24 -1.16
C TRP A 223 -11.62 -16.17 -2.58
N HIS A 224 -11.01 -16.86 -3.54
CA HIS A 224 -11.47 -16.78 -4.92
C HIS A 224 -12.71 -17.63 -5.20
N HIS A 225 -12.99 -18.65 -4.39
CA HIS A 225 -14.02 -19.63 -4.76
C HIS A 225 -15.07 -19.79 -3.67
N SER A 226 -15.26 -18.81 -2.81
CA SER A 226 -16.10 -18.95 -1.63
C SER A 226 -17.50 -18.44 -1.84
N ILE A 227 -17.89 -18.22 -3.10
CA ILE A 227 -19.23 -17.75 -3.37
C ILE A 227 -20.22 -18.71 -2.74
N GLY A 228 -21.11 -18.16 -1.92
CA GLY A 228 -22.08 -18.97 -1.23
C GLY A 228 -21.65 -19.49 0.13
N PHE A 229 -20.34 -19.55 0.40
CA PHE A 229 -19.87 -20.09 1.68
C PHE A 229 -20.28 -19.18 2.82
N ASP A 230 -20.53 -19.77 4.00
CA ASP A 230 -21.10 -19.03 5.10
C ASP A 230 -20.22 -18.83 6.33
N TYR A 231 -19.02 -19.43 6.42
CA TYR A 231 -18.19 -19.21 7.59
C TYR A 231 -16.75 -18.82 7.23
N VAL A 232 -16.17 -17.93 8.03
CA VAL A 232 -14.74 -17.64 7.90
C VAL A 232 -13.97 -18.73 8.62
N TYR A 233 -12.86 -19.16 8.04
CA TYR A 233 -12.16 -20.34 8.51
C TYR A 233 -10.70 -20.05 8.77
N ASN A 234 -10.25 -20.43 9.95
CA ASN A 234 -8.89 -20.20 10.43
C ASN A 234 -8.48 -18.74 10.15
N PRO A 235 -9.26 -17.78 10.60
CA PRO A 235 -8.80 -16.39 10.58
C PRO A 235 -7.67 -16.18 11.58
N PHE A 236 -6.94 -15.10 11.37
CA PHE A 236 -5.97 -14.61 12.32
C PHE A 236 -6.41 -13.25 12.82
N MET A 237 -5.75 -12.81 13.90
CA MET A 237 -6.22 -11.64 14.64
C MET A 237 -5.14 -11.20 15.61
N ILE A 238 -5.16 -9.91 15.94
CA ILE A 238 -4.16 -9.29 16.79
C ILE A 238 -4.80 -8.11 17.50
N ASP A 239 -4.61 -8.03 18.81
CA ASP A 239 -5.25 -7.00 19.62
C ASP A 239 -4.26 -5.89 19.88
N VAL A 240 -4.49 -4.75 19.20
CA VAL A 240 -3.60 -3.58 19.26
C VAL A 240 -3.44 -3.12 20.70
N GLN A 241 -4.49 -3.26 21.51
CA GLN A 241 -4.42 -2.81 22.89
C GLN A 241 -3.44 -3.64 23.75
N GLN A 242 -2.91 -4.73 23.23
CA GLN A 242 -1.83 -5.45 23.89
C GLN A 242 -0.48 -4.80 23.67
N TRP A 243 -0.40 -3.70 22.94
CA TRP A 243 0.92 -3.18 22.59
C TRP A 243 1.40 -2.11 23.57
N GLY A 244 0.59 -1.81 24.56
CA GLY A 244 1.05 -0.95 25.61
C GLY A 244 0.76 0.50 25.36
N PHE A 245 -0.51 0.82 25.22
CA PHE A 245 -0.95 2.18 24.97
C PHE A 245 -1.58 2.73 26.24
N THR A 246 -1.59 4.05 26.37
CA THR A 246 -2.33 4.75 27.40
C THR A 246 -3.53 5.42 26.78
N GLY A 247 -4.65 5.40 27.48
CA GLY A 247 -5.83 6.03 26.96
C GLY A 247 -6.48 5.18 25.90
N ASN A 248 -7.52 5.73 25.31
CA ASN A 248 -8.44 5.00 24.43
C ASN A 248 -8.04 5.19 22.96
N LEU A 249 -8.78 4.47 22.09
CA LEU A 249 -8.43 4.37 20.68
C LEU A 249 -8.38 5.73 20.03
N GLN A 250 -9.44 6.53 20.21
CA GLN A 250 -9.54 7.79 19.50
C GLN A 250 -8.36 8.67 19.82
N SER A 251 -8.14 8.91 21.12
CA SER A 251 -7.09 9.81 21.55
C SER A 251 -5.73 9.36 21.05
N ASN A 252 -5.50 8.06 20.96
CA ASN A 252 -4.24 7.58 20.41
C ASN A 252 -4.15 7.72 18.89
N HIS A 253 -5.26 7.52 18.18
CA HIS A 253 -5.23 7.62 16.72
C HIS A 253 -5.09 9.07 16.27
N ASP A 254 -5.88 9.96 16.89
CA ASP A 254 -5.87 11.37 16.55
C ASP A 254 -4.51 12.04 16.81
N LEU A 255 -3.64 11.39 17.57
CA LEU A 255 -2.31 11.96 17.74
C LEU A 255 -1.56 12.00 16.42
N TYR A 256 -1.84 11.05 15.54
CA TYR A 256 -1.12 10.91 14.29
C TYR A 256 -1.96 11.15 13.04
N CYS A 257 -3.25 11.34 13.15
CA CYS A 257 -4.17 11.19 12.03
C CYS A 257 -5.36 12.12 12.14
N GLN A 258 -5.51 13.02 11.17
CA GLN A 258 -6.63 13.90 11.07
C GLN A 258 -7.64 13.48 10.01
N VAL A 259 -7.43 12.37 9.30
CA VAL A 259 -8.26 11.99 8.17
C VAL A 259 -9.49 11.19 8.58
N HIS A 260 -9.35 10.31 9.55
CA HIS A 260 -10.45 9.45 9.99
C HIS A 260 -11.09 10.09 11.22
N GLY A 261 -12.35 10.50 11.08
CA GLY A 261 -13.10 10.95 12.22
C GLY A 261 -13.72 9.83 13.02
N ASN A 262 -14.58 10.22 13.95
CA ASN A 262 -15.31 9.23 14.73
C ASN A 262 -16.79 9.58 14.71
N ALA A 263 -17.51 9.07 13.74
CA ALA A 263 -18.94 9.26 13.73
C ALA A 263 -19.68 8.38 14.74
N HIS A 264 -18.97 7.68 15.64
CA HIS A 264 -19.63 6.77 16.58
C HIS A 264 -20.42 5.69 15.84
N VAL A 265 -19.76 5.09 14.85
CA VAL A 265 -20.21 3.86 14.21
C VAL A 265 -19.04 2.89 14.32
N ALA A 266 -19.36 1.60 14.36
CA ALA A 266 -18.34 0.58 14.54
C ALA A 266 -17.27 0.69 13.48
N SER A 267 -17.66 0.88 12.21
CA SER A 267 -16.67 0.90 11.12
C SER A 267 -15.68 2.04 11.29
N CYS A 268 -16.09 3.12 11.96
CA CYS A 268 -15.15 4.20 12.25
C CYS A 268 -14.06 3.73 13.18
N ASP A 269 -14.43 2.94 14.19
CA ASP A 269 -13.43 2.37 15.09
C ASP A 269 -12.55 1.35 14.37
N ALA A 270 -13.15 0.51 13.52
CA ALA A 270 -12.36 -0.44 12.74
C ALA A 270 -11.33 0.27 11.86
N ILE A 271 -11.72 1.37 11.23
CA ILE A 271 -10.78 2.14 10.41
C ILE A 271 -9.69 2.75 11.28
N MET A 272 -10.07 3.43 12.37
CA MET A 272 -9.06 4.00 13.26
C MET A 272 -8.10 2.94 13.81
N THR A 273 -8.61 1.75 14.13
CA THR A 273 -7.76 0.70 14.69
C THR A 273 -6.67 0.28 13.71
N ARG A 274 -7.07 -0.04 12.46
CA ARG A 274 -6.09 -0.34 11.42
C ARG A 274 -5.18 0.84 11.12
N CYS A 275 -5.71 2.07 11.05
CA CYS A 275 -4.84 3.24 10.86
C CYS A 275 -3.74 3.27 11.92
N LEU A 276 -4.12 3.14 13.20
CA LEU A 276 -3.12 3.21 14.26
C LEU A 276 -2.10 2.07 14.12
N ALA A 277 -2.60 0.85 13.87
CA ALA A 277 -1.71 -0.28 13.68
C ALA A 277 -0.74 -0.03 12.54
N VAL A 278 -1.23 0.49 11.40
CA VAL A 278 -0.33 0.82 10.30
C VAL A 278 0.67 1.90 10.71
N HIS A 279 0.21 2.87 11.52
CA HIS A 279 1.12 3.92 11.95
C HIS A 279 2.25 3.34 12.78
N GLU A 280 1.93 2.38 13.66
CA GLU A 280 2.93 1.86 14.58
C GLU A 280 3.94 0.99 13.86
N CYS A 281 3.50 0.31 12.81
CA CYS A 281 4.34 -0.72 12.22
C CYS A 281 5.05 -0.26 10.96
N PHE A 282 4.57 0.81 10.31
CA PHE A 282 5.13 1.25 9.03
C PHE A 282 5.49 2.73 8.99
N VAL A 283 5.07 3.53 9.96
CA VAL A 283 5.45 4.94 10.03
C VAL A 283 6.47 5.17 11.13
N LYS A 284 6.09 4.95 12.38
CA LYS A 284 7.06 5.02 13.47
C LYS A 284 8.17 4.00 13.26
N ARG A 285 7.81 2.78 12.89
CA ARG A 285 8.74 1.68 12.68
C ARG A 285 8.82 1.41 11.18
N VAL A 286 9.95 0.85 10.73
CA VAL A 286 10.18 0.61 9.30
C VAL A 286 11.14 -0.55 9.15
N ASP A 287 10.65 -1.67 8.62
CA ASP A 287 11.46 -2.86 8.39
C ASP A 287 11.51 -3.14 6.89
N TRP A 288 12.56 -2.62 6.25
CA TRP A 288 12.75 -2.78 4.82
C TRP A 288 13.46 -4.09 4.46
N THR A 289 13.69 -4.97 5.44
CA THR A 289 14.15 -6.31 5.13
C THR A 289 13.01 -7.25 4.79
N ILE A 290 11.80 -6.98 5.28
CA ILE A 290 10.67 -7.85 5.03
C ILE A 290 10.29 -7.78 3.56
N GLU A 291 10.32 -8.96 2.90
CA GLU A 291 9.86 -9.15 1.52
C GLU A 291 8.39 -9.55 1.53
N TYR A 292 7.67 -9.13 0.49
CA TYR A 292 6.26 -9.46 0.35
C TYR A 292 6.00 -10.17 -0.98
N PRO A 293 5.18 -11.21 -0.98
CA PRO A 293 4.93 -11.95 -2.22
C PRO A 293 4.45 -11.09 -3.38
N ILE A 294 4.80 -11.56 -4.59
CA ILE A 294 4.27 -10.99 -5.83
C ILE A 294 2.78 -11.32 -5.93
N ILE A 295 1.96 -10.30 -6.17
CA ILE A 295 0.52 -10.49 -6.32
C ILE A 295 -0.03 -9.81 -7.57
N GLY A 296 0.82 -9.15 -8.35
CA GLY A 296 0.38 -8.48 -9.56
C GLY A 296 1.52 -8.09 -10.48
N ASP A 297 1.47 -6.86 -10.96
CA ASP A 297 2.43 -6.38 -11.94
C ASP A 297 3.69 -5.82 -11.31
N GLU A 298 3.99 -6.17 -10.05
CA GLU A 298 5.15 -5.59 -9.37
C GLU A 298 6.35 -5.52 -10.31
N LEU A 299 6.70 -6.63 -10.95
CA LEU A 299 7.93 -6.64 -11.73
C LEU A 299 7.82 -5.76 -12.96
N LYS A 300 6.69 -5.83 -13.68
CA LYS A 300 6.53 -4.97 -14.85
C LYS A 300 6.58 -3.51 -14.47
N ILE A 301 6.05 -3.16 -13.28
CA ILE A 301 5.99 -1.78 -12.85
C ILE A 301 7.39 -1.29 -12.55
N ASN A 302 8.15 -2.10 -11.82
CA ASN A 302 9.50 -1.70 -11.46
C ASN A 302 10.36 -1.54 -12.70
N ALA A 303 10.16 -2.42 -13.67
CA ALA A 303 10.94 -2.34 -14.89
C ALA A 303 10.53 -1.12 -15.69
N ALA A 304 9.24 -0.83 -15.72
CA ALA A 304 8.78 0.37 -16.40
C ALA A 304 9.39 1.62 -15.77
N CYS A 305 9.48 1.63 -14.44
CA CYS A 305 9.97 2.81 -13.74
C CYS A 305 11.43 3.05 -14.08
N ARG A 306 12.20 1.98 -14.20
CA ARG A 306 13.61 2.11 -14.56
C ARG A 306 13.73 2.64 -15.98
N LYS A 307 12.94 2.09 -16.88
CA LYS A 307 12.95 2.55 -18.27
C LYS A 307 12.60 4.02 -18.36
N VAL A 308 11.46 4.41 -17.80
CA VAL A 308 11.02 5.80 -17.87
C VAL A 308 12.06 6.73 -17.26
N GLN A 309 12.65 6.34 -16.12
CA GLN A 309 13.61 7.22 -15.47
C GLN A 309 14.79 7.49 -16.39
N HIS A 310 15.35 6.44 -16.99
CA HIS A 310 16.47 6.61 -17.91
C HIS A 310 16.08 7.55 -19.05
N MET A 311 14.95 7.25 -19.69
CA MET A 311 14.47 8.06 -20.80
C MET A 311 14.40 9.51 -20.40
N VAL A 312 13.69 9.81 -19.33
CA VAL A 312 13.38 11.19 -19.02
C VAL A 312 14.63 11.96 -18.59
N VAL A 313 15.52 11.33 -17.84
CA VAL A 313 16.70 12.08 -17.42
C VAL A 313 17.65 12.29 -18.60
N LYS A 314 17.82 11.25 -19.41
CA LYS A 314 18.64 11.37 -20.61
C LYS A 314 18.17 12.54 -21.47
N ALA A 315 16.86 12.63 -21.74
CA ALA A 315 16.34 13.69 -22.59
C ALA A 315 16.53 15.06 -21.96
N ALA A 316 16.36 15.17 -20.65
CA ALA A 316 16.54 16.47 -20.02
C ALA A 316 17.99 16.95 -20.12
N LEU A 317 18.93 16.03 -20.05
CA LEU A 317 20.32 16.43 -20.14
C LEU A 317 20.66 16.84 -21.56
N LEU A 318 20.05 16.19 -22.56
CA LEU A 318 20.33 16.52 -23.95
C LEU A 318 19.67 17.83 -24.35
N ALA A 319 18.42 18.04 -23.91
CA ALA A 319 17.68 19.22 -24.28
C ALA A 319 18.27 20.48 -23.65
N ASP A 320 18.62 20.44 -22.36
CA ASP A 320 19.08 21.62 -21.64
C ASP A 320 20.54 21.54 -21.20
N LYS A 321 21.20 20.42 -21.38
CA LYS A 321 22.66 20.37 -21.20
C LYS A 321 23.12 20.89 -19.82
N PHE A 322 22.41 20.52 -18.78
CA PHE A 322 22.81 20.90 -17.43
C PHE A 322 24.24 20.44 -17.14
N PRO A 323 25.06 21.26 -16.52
CA PRO A 323 26.41 20.82 -16.19
C PRO A 323 26.48 19.83 -15.01
N VAL A 324 25.49 19.85 -14.12
CA VAL A 324 25.50 19.02 -12.91
C VAL A 324 24.09 18.60 -12.55
N LEU A 325 23.97 17.36 -12.08
CA LEU A 325 22.70 16.79 -11.65
C LEU A 325 22.79 16.40 -10.18
N HIS A 326 21.88 16.92 -9.34
CA HIS A 326 21.80 16.62 -7.91
C HIS A 326 20.75 15.56 -7.72
N ASP A 327 21.20 14.33 -7.51
CA ASP A 327 20.33 13.16 -7.36
C ASP A 327 20.02 12.99 -5.88
N ILE A 328 18.80 13.39 -5.47
CA ILE A 328 18.42 13.48 -4.07
C ILE A 328 17.46 12.33 -3.74
N GLY A 329 17.95 11.37 -2.97
CA GLY A 329 17.05 10.32 -2.53
C GLY A 329 17.80 9.08 -2.12
N ASN A 330 17.34 7.94 -2.60
CA ASN A 330 17.83 6.67 -2.08
C ASN A 330 19.35 6.63 -1.98
N PRO A 331 19.92 6.20 -0.84
CA PRO A 331 21.38 6.15 -0.72
C PRO A 331 22.01 5.03 -1.53
N LYS A 332 21.22 4.13 -2.08
CA LYS A 332 21.76 3.10 -2.94
C LYS A 332 21.50 3.35 -4.42
N ALA A 333 21.37 4.62 -4.83
CA ALA A 333 21.07 4.97 -6.22
C ALA A 333 22.31 4.85 -7.09
N ILE A 334 22.08 4.40 -8.33
CA ILE A 334 23.09 4.39 -9.38
C ILE A 334 22.71 5.41 -10.43
N LYS A 335 23.72 5.93 -11.12
CA LYS A 335 23.50 6.80 -12.27
C LYS A 335 22.51 6.13 -13.23
N CYS A 336 21.37 6.77 -13.48
CA CYS A 336 20.40 6.16 -14.37
C CYS A 336 20.71 6.47 -15.83
N VAL A 337 21.60 7.42 -16.11
CA VAL A 337 22.07 7.74 -17.46
C VAL A 337 23.58 7.68 -17.40
N PRO A 338 24.15 6.47 -17.31
CA PRO A 338 25.58 6.35 -17.02
C PRO A 338 26.49 6.96 -18.05
N GLN A 339 26.08 7.08 -19.30
CA GLN A 339 26.93 7.66 -20.32
C GLN A 339 26.76 9.17 -20.45
N ALA A 340 25.93 9.80 -19.61
CA ALA A 340 25.78 11.24 -19.72
C ALA A 340 27.05 11.97 -19.28
N ASP A 341 27.32 13.10 -19.93
CA ASP A 341 28.53 13.88 -19.68
C ASP A 341 28.50 14.69 -18.39
N VAL A 342 27.38 14.68 -17.66
CA VAL A 342 27.15 15.65 -16.61
C VAL A 342 27.84 15.21 -15.33
N GLU A 343 28.11 16.18 -14.46
CA GLU A 343 28.65 15.92 -13.13
C GLU A 343 27.53 15.40 -12.25
N TRP A 344 27.62 14.13 -11.86
CA TRP A 344 26.59 13.46 -11.07
C TRP A 344 26.97 13.47 -9.59
N LYS A 345 26.18 14.18 -8.79
CA LYS A 345 26.36 14.32 -7.35
C LYS A 345 25.15 13.71 -6.67
N PHE A 346 25.38 12.78 -5.72
CA PHE A 346 24.35 12.07 -4.97
C PHE A 346 24.19 12.64 -3.56
N TYR A 347 22.94 12.62 -3.07
CA TYR A 347 22.57 13.08 -1.74
C TYR A 347 21.63 12.04 -1.14
N ASP A 348 22.00 11.52 0.03
CA ASP A 348 21.28 10.40 0.64
C ASP A 348 20.05 10.89 1.41
N ALA A 349 18.89 10.31 1.11
CA ALA A 349 17.69 10.59 1.88
C ALA A 349 16.79 9.38 1.74
N GLN A 350 16.53 8.70 2.86
CA GLN A 350 15.73 7.49 2.87
C GLN A 350 14.26 7.83 2.60
N PRO A 351 13.49 6.89 2.09
CA PRO A 351 12.06 7.16 1.88
C PRO A 351 11.38 7.69 3.12
N CYS A 352 10.90 8.93 3.07
CA CYS A 352 10.18 9.49 4.20
C CYS A 352 8.83 8.79 4.33
N SER A 353 8.57 8.21 5.50
CA SER A 353 7.30 7.55 5.74
C SER A 353 6.24 8.45 6.36
N ASP A 354 6.62 9.33 7.28
CA ASP A 354 5.63 10.10 8.03
C ASP A 354 5.17 11.31 7.23
N LYS A 355 5.89 12.41 7.36
CA LYS A 355 5.61 13.65 6.67
C LYS A 355 6.62 13.87 5.54
N ALA A 356 6.18 14.50 4.45
CA ALA A 356 7.12 14.80 3.38
C ALA A 356 8.27 15.67 3.88
N TYR A 357 9.47 15.36 3.44
CA TYR A 357 10.63 16.17 3.79
C TYR A 357 10.38 17.65 3.52
N LYS A 358 11.06 18.49 4.28
CA LYS A 358 11.10 19.94 4.10
C LYS A 358 12.32 20.28 3.26
N ILE A 359 12.09 20.87 2.10
CA ILE A 359 13.19 21.22 1.20
C ILE A 359 14.23 22.11 1.88
N GLU A 360 13.85 22.84 2.93
CA GLU A 360 14.81 23.68 3.66
C GLU A 360 15.83 22.85 4.43
N GLU A 361 15.38 21.76 5.06
CA GLU A 361 16.33 20.91 5.76
C GLU A 361 17.19 20.14 4.76
N LEU A 362 16.57 19.63 3.69
CA LEU A 362 17.34 18.82 2.75
C LEU A 362 18.47 19.60 2.11
N PHE A 363 18.26 20.88 1.90
CA PHE A 363 19.21 21.75 1.20
C PHE A 363 19.97 22.63 2.21
N PHE A 373 22.57 23.59 -5.52
CA PHE A 373 21.28 23.00 -5.83
C PHE A 373 20.54 23.90 -6.83
N THR A 374 20.94 25.16 -6.84
CA THR A 374 20.45 26.10 -7.83
C THR A 374 21.15 25.93 -9.17
N ASP A 375 22.37 25.39 -9.19
CA ASP A 375 23.06 25.09 -10.44
C ASP A 375 22.58 23.75 -10.99
N GLY A 376 22.41 23.68 -12.32
CA GLY A 376 22.03 22.43 -12.96
C GLY A 376 20.61 22.02 -12.66
N VAL A 377 20.41 20.71 -12.48
CA VAL A 377 19.09 20.16 -12.20
C VAL A 377 19.10 19.16 -11.05
N CYS A 378 17.95 19.08 -10.38
CA CYS A 378 17.75 18.22 -9.22
C CYS A 378 16.82 17.08 -9.61
N LEU A 379 17.18 15.87 -9.23
CA LEU A 379 16.41 14.68 -9.51
C LEU A 379 15.83 14.17 -8.20
N PHE A 380 14.52 14.25 -8.07
CA PHE A 380 13.79 13.70 -6.93
C PHE A 380 13.04 12.48 -7.43
N TRP A 381 13.72 11.35 -7.60
CA TRP A 381 13.04 10.13 -8.04
C TRP A 381 12.46 9.40 -6.83
N ASN A 382 11.16 9.58 -6.59
CA ASN A 382 10.48 9.07 -5.41
C ASN A 382 11.08 9.60 -4.12
N CYS A 383 11.47 10.87 -4.13
CA CYS A 383 11.91 11.56 -2.93
C CYS A 383 10.90 12.66 -2.65
N ASN A 384 9.94 12.38 -1.77
CA ASN A 384 8.81 13.28 -1.56
C ASN A 384 9.20 14.45 -0.65
N VAL A 385 9.17 15.67 -1.21
CA VAL A 385 9.44 16.90 -0.45
C VAL A 385 8.20 17.78 -0.47
N ASP A 386 8.23 18.83 0.34
CA ASP A 386 7.03 19.66 0.50
C ASP A 386 6.85 20.67 -0.62
N ARG A 387 7.95 21.13 -1.23
CA ARG A 387 7.84 22.05 -2.35
C ARG A 387 9.14 21.91 -3.14
N TYR A 388 9.05 21.27 -4.31
CA TYR A 388 10.24 21.03 -5.12
C TYR A 388 10.80 22.34 -5.66
N PRO A 389 12.12 22.42 -5.85
CA PRO A 389 12.71 23.56 -6.54
C PRO A 389 12.29 23.57 -8.01
N ALA A 390 12.44 24.76 -8.63
CA ALA A 390 11.97 24.92 -10.01
C ALA A 390 12.82 24.12 -11.00
N ASN A 391 14.12 23.96 -10.76
CA ASN A 391 15.01 23.21 -11.65
C ASN A 391 15.04 21.71 -11.28
N SER A 392 13.85 21.10 -11.26
CA SER A 392 13.74 19.70 -10.88
C SER A 392 13.14 18.81 -11.98
N ILE A 393 13.55 17.54 -11.89
CA ILE A 393 12.87 16.40 -12.49
C ILE A 393 12.30 15.56 -11.35
N VAL A 394 11.02 15.17 -11.42
CA VAL A 394 10.40 14.60 -10.24
C VAL A 394 9.49 13.42 -10.57
N CYS A 395 9.66 12.31 -9.85
CA CYS A 395 8.73 11.20 -9.85
C CYS A 395 8.14 11.06 -8.46
N ARG A 396 6.83 11.23 -8.33
CA ARG A 396 6.15 11.31 -7.05
C ARG A 396 4.96 10.36 -7.08
N PHE A 397 4.92 9.41 -6.16
CA PHE A 397 3.81 8.47 -6.09
C PHE A 397 2.57 9.15 -5.52
N ASP A 398 1.44 8.88 -6.17
CA ASP A 398 0.15 9.50 -5.86
C ASP A 398 -0.60 8.53 -4.96
N THR A 399 -0.77 8.92 -3.70
CA THR A 399 -1.29 8.02 -2.69
C THR A 399 -2.75 7.66 -2.92
N ARG A 400 -3.46 8.42 -3.76
CA ARG A 400 -4.90 8.21 -3.94
C ARG A 400 -5.22 7.08 -4.90
N VAL A 401 -4.21 6.49 -5.53
CA VAL A 401 -4.47 5.57 -6.62
C VAL A 401 -5.11 4.30 -6.07
N LEU A 402 -6.12 3.79 -6.78
CA LEU A 402 -6.73 2.51 -6.46
C LEU A 402 -5.98 1.40 -7.18
N SER A 403 -5.23 0.59 -6.42
CA SER A 403 -4.62 -0.63 -6.93
C SER A 403 -4.55 -1.67 -5.81
N ASN A 404 -4.24 -2.91 -6.18
CA ASN A 404 -4.00 -3.95 -5.18
C ASN A 404 -2.67 -3.76 -4.47
N LEU A 405 -1.77 -2.95 -5.04
CA LEU A 405 -0.47 -2.75 -4.41
C LEU A 405 -0.53 -1.71 -3.31
N ASN A 406 -1.49 -0.79 -3.41
CA ASN A 406 -1.58 0.37 -2.55
C ASN A 406 -2.69 0.21 -1.50
N LEU A 407 -2.29 0.08 -0.23
CA LEU A 407 -3.29 -0.07 0.80
C LEU A 407 -3.52 1.27 1.49
N PRO A 408 -4.71 1.47 2.04
CA PRO A 408 -4.99 2.72 2.76
C PRO A 408 -4.01 2.89 3.91
N GLY A 409 -3.53 4.11 4.09
CA GLY A 409 -2.53 4.40 5.10
C GLY A 409 -3.00 5.39 6.13
N CYS A 410 -2.06 6.11 6.75
N CYS A 410 -2.06 6.05 6.80
CA CYS A 410 -2.35 6.94 7.92
CA CYS A 410 -2.37 6.95 7.91
C CYS A 410 -2.20 8.43 7.61
C CYS A 410 -2.31 8.41 7.47
N ASP A 411 -3.14 9.23 8.12
CA ASP A 411 -3.14 10.69 7.89
C ASP A 411 -3.10 11.03 6.40
N GLY A 412 -3.87 10.28 5.60
CA GLY A 412 -3.95 10.49 4.17
C GLY A 412 -2.88 9.79 3.37
N GLY A 413 -1.80 9.35 3.99
CA GLY A 413 -0.80 8.58 3.26
C GLY A 413 -1.37 7.22 2.82
N SER A 414 -0.54 6.44 2.13
CA SER A 414 -0.94 5.13 1.65
C SER A 414 0.24 4.20 1.87
N LEU A 415 -0.05 2.93 1.90
CA LEU A 415 0.97 1.92 2.15
C LEU A 415 1.15 1.22 0.81
N TYR A 416 2.24 1.52 0.13
CA TYR A 416 2.56 0.91 -1.15
C TYR A 416 3.42 -0.31 -0.89
N VAL A 417 2.86 -1.48 -1.11
CA VAL A 417 3.61 -2.73 -0.95
C VAL A 417 3.89 -3.27 -2.35
N ASN A 418 5.16 -3.23 -2.73
CA ASN A 418 5.67 -3.77 -4.00
C ASN A 418 7.05 -4.31 -3.66
N LYS A 419 7.11 -5.61 -3.34
CA LYS A 419 8.30 -6.27 -2.80
C LYS A 419 8.55 -5.84 -1.36
N HIS A 420 8.56 -4.54 -1.12
CA HIS A 420 8.74 -4.01 0.22
C HIS A 420 7.60 -3.07 0.54
N ALA A 421 7.41 -2.82 1.84
CA ALA A 421 6.39 -1.88 2.29
C ALA A 421 6.96 -0.45 2.43
N PHE A 422 6.33 0.51 1.75
CA PHE A 422 6.71 1.93 1.84
C PHE A 422 5.47 2.70 2.21
N HIS A 423 5.31 3.10 3.45
CA HIS A 423 4.28 4.08 3.75
C HIS A 423 4.69 5.40 3.13
N THR A 424 3.74 6.06 2.45
CA THR A 424 3.98 7.24 1.63
C THR A 424 3.10 8.37 2.13
N PRO A 425 3.65 9.55 2.38
CA PRO A 425 2.79 10.68 2.79
C PRO A 425 1.88 11.15 1.66
N ALA A 426 0.78 11.76 2.09
CA ALA A 426 -0.33 12.02 1.19
C ALA A 426 0.09 12.90 0.04
N PHE A 427 -0.35 12.53 -1.16
CA PHE A 427 -0.19 13.36 -2.34
C PHE A 427 -0.72 14.76 -2.09
N ASP A 428 0.11 15.76 -2.37
CA ASP A 428 -0.22 17.18 -2.24
C ASP A 428 0.19 17.93 -3.51
N LYS A 429 -0.81 18.35 -4.31
CA LYS A 429 -0.52 18.98 -5.60
C LYS A 429 0.36 20.22 -5.46
N SER A 430 0.15 21.00 -4.39
CA SER A 430 0.91 22.23 -4.17
C SER A 430 2.41 21.98 -4.13
N ALA A 431 2.86 20.75 -3.88
CA ALA A 431 4.29 20.48 -3.88
C ALA A 431 4.93 20.77 -5.23
N PHE A 432 4.12 20.86 -6.29
CA PHE A 432 4.65 20.92 -7.65
C PHE A 432 4.43 22.27 -8.33
N VAL A 433 4.16 23.32 -7.56
CA VAL A 433 3.76 24.61 -8.13
C VAL A 433 4.84 25.19 -9.03
N ASN A 434 6.12 24.97 -8.70
CA ASN A 434 7.20 25.48 -9.56
C ASN A 434 7.44 24.62 -10.79
N LEU A 435 6.67 23.54 -10.97
CA LEU A 435 6.90 22.60 -12.07
C LEU A 435 5.61 22.43 -12.86
N LYS A 436 5.72 21.66 -13.95
CA LYS A 436 4.60 21.29 -14.79
C LYS A 436 4.55 19.78 -14.97
N GLN A 437 3.37 19.29 -15.32
CA GLN A 437 3.25 17.90 -15.67
C GLN A 437 4.24 17.58 -16.79
N LEU A 438 4.90 16.46 -16.69
CA LEU A 438 5.80 16.05 -17.76
C LEU A 438 5.03 15.41 -18.92
N PRO A 439 5.14 15.91 -20.14
CA PRO A 439 4.44 15.28 -21.26
C PRO A 439 5.08 13.97 -21.69
N PHE A 440 4.24 13.05 -22.16
CA PHE A 440 4.80 11.83 -22.73
C PHE A 440 5.60 12.13 -23.99
N PHE A 441 6.67 11.36 -24.18
CA PHE A 441 7.50 11.42 -25.37
C PHE A 441 8.42 10.22 -25.30
N TYR A 442 8.81 9.74 -26.48
CA TYR A 442 9.80 8.68 -26.60
C TYR A 442 10.95 9.23 -27.40
N TYR A 443 12.16 9.10 -26.89
CA TYR A 443 13.34 9.65 -27.54
C TYR A 443 14.32 8.52 -27.74
N SER A 444 15.03 8.52 -28.86
CA SER A 444 16.06 7.53 -29.11
C SER A 444 17.04 8.07 -30.15
N ASP A 445 18.32 7.76 -29.94
CA ASP A 445 19.41 8.04 -30.86
C ASP A 445 20.00 6.73 -31.37
N SER A 446 19.42 5.61 -31.00
CA SER A 446 19.92 4.33 -31.45
C SER A 446 19.74 4.23 -32.96
N PRO A 447 20.62 3.49 -33.65
CA PRO A 447 20.47 3.38 -35.11
C PRO A 447 19.13 2.75 -35.46
N CYS A 448 18.61 3.16 -36.62
CA CYS A 448 17.37 2.57 -37.13
C CYS A 448 17.61 1.17 -37.76
N PRO A 463 2.18 0.44 -39.11
CA PRO A 463 2.98 1.62 -39.45
C PRO A 463 2.68 2.76 -38.46
N LEU A 464 3.73 3.31 -37.84
CA LEU A 464 3.52 4.22 -36.72
C LEU A 464 3.59 5.65 -37.20
N LYS A 465 2.60 6.45 -36.82
CA LYS A 465 2.58 7.89 -37.03
C LYS A 465 2.40 8.51 -35.64
N SER A 466 3.41 9.25 -35.18
CA SER A 466 3.29 9.95 -33.91
C SER A 466 4.20 11.16 -33.86
N ALA A 467 3.62 12.29 -33.48
CA ALA A 467 4.42 13.47 -33.17
C ALA A 467 5.39 13.23 -32.01
N THR A 468 5.09 12.31 -31.09
CA THR A 468 5.92 12.14 -29.90
C THR A 468 6.97 11.05 -30.03
N CYS A 469 7.21 10.52 -31.23
CA CYS A 469 8.23 9.50 -31.43
C CYS A 469 9.49 10.19 -31.91
N ILE A 470 10.32 10.64 -30.97
CA ILE A 470 11.42 11.54 -31.32
C ILE A 470 12.63 10.72 -31.76
N THR A 471 12.78 10.56 -33.08
CA THR A 471 13.86 9.77 -33.65
C THR A 471 14.27 10.31 -35.02
N ARG A 472 15.45 9.88 -35.46
CA ARG A 472 15.97 10.32 -36.76
C ARG A 472 14.98 10.01 -37.87
N CYS A 473 14.54 8.76 -37.94
CA CYS A 473 13.60 8.29 -38.97
C CYS A 473 12.33 9.16 -39.01
N ASN A 474 11.75 9.48 -37.86
CA ASN A 474 10.56 10.32 -37.83
C ASN A 474 10.89 11.74 -38.21
N LEU A 475 12.14 12.17 -37.98
CA LEU A 475 12.55 13.50 -38.41
C LEU A 475 12.61 13.55 -39.92
N GLY A 476 13.13 12.49 -40.53
CA GLY A 476 13.27 12.35 -41.95
C GLY A 476 12.04 11.86 -42.67
N GLY A 477 10.90 11.77 -42.00
CA GLY A 477 9.68 11.41 -42.69
C GLY A 477 8.92 10.25 -42.06
N ALA A 478 9.56 9.10 -41.93
CA ALA A 478 8.83 7.89 -41.61
C ALA A 478 9.54 6.96 -40.65
N VAL A 479 8.85 6.63 -39.56
CA VAL A 479 9.42 5.88 -38.44
C VAL A 479 9.73 4.47 -38.93
N CYS A 480 11.02 4.09 -38.91
CA CYS A 480 11.44 2.70 -39.09
C CYS A 480 10.74 1.72 -38.11
N ARG A 481 10.80 0.44 -38.46
CA ARG A 481 10.05 -0.56 -37.71
C ARG A 481 10.61 -0.72 -36.30
N HIS A 482 11.94 -0.72 -36.18
CA HIS A 482 12.57 -0.93 -34.88
C HIS A 482 12.10 0.11 -33.87
N HIS A 483 12.23 1.41 -34.20
CA HIS A 483 11.82 2.48 -33.29
C HIS A 483 10.32 2.49 -33.13
N ALA A 484 9.58 1.89 -34.06
CA ALA A 484 8.14 1.76 -33.87
C ALA A 484 7.82 0.67 -32.85
N ASN A 485 8.65 -0.38 -32.79
CA ASN A 485 8.54 -1.38 -31.74
C ASN A 485 8.92 -0.77 -30.39
N GLU A 486 10.14 -0.23 -30.30
CA GLU A 486 10.61 0.42 -29.08
C GLU A 486 9.62 1.46 -28.59
N TYR A 487 9.01 2.21 -29.50
CA TYR A 487 8.08 3.25 -29.08
C TYR A 487 6.83 2.63 -28.47
N ARG A 488 6.28 1.60 -29.12
CA ARG A 488 5.05 1.02 -28.63
C ARG A 488 5.28 0.28 -27.34
N LEU A 489 6.49 -0.24 -27.14
CA LEU A 489 6.85 -0.88 -25.88
C LEU A 489 7.04 0.15 -24.78
N TYR A 490 7.71 1.27 -25.08
CA TYR A 490 7.88 2.31 -24.07
C TYR A 490 6.53 2.90 -23.68
N LEU A 491 5.67 3.12 -24.66
CA LEU A 491 4.35 3.62 -24.31
C LEU A 491 3.69 2.68 -23.31
N ASP A 492 3.86 1.38 -23.50
CA ASP A 492 3.23 0.41 -22.62
C ASP A 492 3.75 0.53 -21.19
N ALA A 493 5.07 0.69 -21.05
CA ALA A 493 5.66 0.80 -19.72
C ALA A 493 5.22 2.09 -19.05
N TYR A 494 5.33 3.20 -19.78
CA TYR A 494 4.85 4.49 -19.30
C TYR A 494 3.42 4.39 -18.76
N ASN A 495 2.52 3.82 -19.56
CA ASN A 495 1.13 3.72 -19.13
C ASN A 495 1.00 2.83 -17.90
N MET A 496 1.82 1.80 -17.83
CA MET A 496 1.81 0.94 -16.65
C MET A 496 2.21 1.74 -15.41
N MET A 497 3.31 2.47 -15.51
CA MET A 497 3.79 3.28 -14.39
C MET A 497 2.76 4.28 -13.95
N ILE A 498 2.17 4.99 -14.89
CA ILE A 498 1.18 6.00 -14.51
C ILE A 498 0.01 5.34 -13.80
N SER A 499 -0.55 4.30 -14.43
CA SER A 499 -1.69 3.61 -13.87
C SER A 499 -1.37 3.02 -12.51
N ALA A 500 -0.09 2.65 -12.26
CA ALA A 500 0.32 2.16 -10.94
C ALA A 500 0.32 3.25 -9.86
N GLY A 501 0.24 4.52 -10.25
CA GLY A 501 0.07 5.64 -9.32
C GLY A 501 1.16 6.70 -9.41
N PHE A 502 2.26 6.41 -10.07
CA PHE A 502 3.32 7.41 -10.19
C PHE A 502 2.93 8.55 -11.13
N SER A 503 3.47 9.72 -10.83
CA SER A 503 3.20 10.95 -11.57
C SER A 503 4.54 11.65 -11.76
N LEU A 504 4.69 12.30 -12.91
CA LEU A 504 5.94 12.89 -13.36
C LEU A 504 5.77 14.38 -13.59
N TRP A 505 6.83 15.12 -13.32
CA TRP A 505 6.82 16.57 -13.20
C TRP A 505 8.20 17.05 -13.62
N VAL A 506 8.25 18.24 -14.21
CA VAL A 506 9.52 18.75 -14.71
C VAL A 506 9.56 20.28 -14.69
N TYR A 507 10.78 20.81 -14.74
CA TYR A 507 10.97 22.24 -14.83
C TYR A 507 10.23 22.78 -16.05
N LYS A 508 9.72 24.01 -15.92
CA LYS A 508 8.80 24.59 -16.89
C LYS A 508 9.44 24.83 -18.26
N GLN A 509 10.74 25.03 -18.31
CA GLN A 509 11.37 25.24 -19.60
C GLN A 509 11.53 23.96 -20.41
N PHE A 510 11.15 22.80 -19.88
CA PHE A 510 11.44 21.58 -20.61
C PHE A 510 10.61 21.53 -21.88
N ASP A 511 11.27 21.23 -23.00
CA ASP A 511 10.65 21.32 -24.32
C ASP A 511 11.23 20.20 -25.16
N THR A 512 10.40 19.26 -25.58
CA THR A 512 10.94 18.19 -26.43
C THR A 512 11.38 18.67 -27.81
N TYR A 513 10.97 19.88 -28.21
CA TYR A 513 11.40 20.42 -29.48
C TYR A 513 12.91 20.53 -29.55
N ASN A 514 13.57 20.63 -28.40
CA ASN A 514 15.01 20.78 -28.36
C ASN A 514 15.72 19.48 -28.67
N LEU A 515 15.03 18.35 -28.58
CA LEU A 515 15.70 17.07 -28.80
C LEU A 515 15.91 16.79 -30.30
N TRP A 516 15.07 17.34 -31.16
CA TRP A 516 15.22 17.04 -32.58
C TRP A 516 16.60 17.44 -33.12
N ASN A 517 17.21 18.50 -32.58
CA ASN A 517 18.50 18.96 -33.07
C ASN A 517 19.68 18.10 -32.59
N THR A 518 19.47 17.13 -31.72
CA THR A 518 20.53 16.18 -31.42
C THR A 518 20.67 15.12 -32.52
N PHE A 519 19.90 15.23 -33.59
CA PHE A 519 20.03 14.34 -34.74
C PHE A 519 20.81 15.05 -35.87
#